data_6OZE
#
_entry.id   6OZE
#
_cell.length_a   50.949
_cell.length_b   50.949
_cell.length_c   102.978
_cell.angle_alpha   90.000
_cell.angle_beta   90.000
_cell.angle_gamma   120.000
#
_symmetry.space_group_name_H-M   'P 31'
#
loop_
_entity.id
_entity.type
_entity.pdbx_description
1 polymer 'Endonuclease V'
2 non-polymer 'ACETATE ION'
3 non-polymer GLYCEROL
4 non-polymer 'SODIUM ION'
5 water water
#
_entity_poly.entity_id   1
_entity_poly.type   'polypeptide(L)'
_entity_poly.pdbx_seq_one_letter_code
;PPEETLSLWKREQARLKAHVVDRDTEAWQRDPAFSGLQRVGGVDVSFVAGDSVRACASLVVLSFPELEVVYEESRMVSLT
APYVSGFLAFREVPFLLELVQQLREKEPGLMPQVLLVDGNGVLHHRGFGVASHLGVLTDLPCVGVAKKLLQVDGLANNAL
HKEKIRLLQTRGDSFPLLGDSGTVLGMALRSHDRSTRPLYISVGHRMSLEAAVRLTSACSRFRIPEPVRQADICSREHIR
KSLGLP
;
_entity_poly.pdbx_strand_id   A
#
# COMPACT_ATOMS: atom_id res chain seq x y z
N PRO A 1 12.24 -15.12 -16.40
CA PRO A 1 12.93 -14.14 -17.25
C PRO A 1 14.43 -14.37 -17.29
N PRO A 2 15.11 -13.81 -18.29
CA PRO A 2 16.56 -13.95 -18.37
C PRO A 2 17.24 -13.37 -17.14
N GLU A 3 18.44 -13.89 -16.86
CA GLU A 3 19.23 -13.38 -15.74
C GLU A 3 19.56 -11.91 -15.93
N GLU A 4 19.76 -11.46 -17.17
CA GLU A 4 20.05 -10.05 -17.41
C GLU A 4 18.89 -9.18 -17.00
N THR A 5 17.65 -9.65 -17.18
CA THR A 5 16.49 -8.87 -16.78
C THR A 5 16.43 -8.70 -15.26
N LEU A 6 16.63 -9.79 -14.52
CA LEU A 6 16.65 -9.67 -13.06
C LEU A 6 17.77 -8.77 -12.59
N SER A 7 18.95 -8.90 -13.20
CA SER A 7 20.07 -8.06 -12.82
C SER A 7 19.75 -6.58 -13.02
N LEU A 8 19.18 -6.22 -14.17
CA LEU A 8 18.83 -4.83 -14.42
C LEU A 8 17.67 -4.36 -13.56
N TRP A 9 16.70 -5.24 -13.26
CA TRP A 9 15.63 -4.88 -12.32
C TRP A 9 16.21 -4.60 -10.94
N LYS A 10 17.12 -5.46 -10.47
CA LYS A 10 17.76 -5.22 -9.19
C LYS A 10 18.49 -3.87 -9.18
N ARG A 11 19.18 -3.56 -10.27
CA ARG A 11 19.90 -2.30 -10.33
C ARG A 11 18.93 -1.11 -10.32
N GLU A 12 17.78 -1.25 -10.98
CA GLU A 12 16.80 -0.17 -10.98
C GLU A 12 16.15 -0.01 -9.61
N GLN A 13 15.89 -1.13 -8.90
CA GLN A 13 15.42 -1.01 -7.53
C GLN A 13 16.43 -0.25 -6.68
N ALA A 14 17.72 -0.56 -6.83
CA ALA A 14 18.75 0.14 -6.07
C ALA A 14 18.79 1.61 -6.43
N ARG A 15 18.67 1.93 -7.73
CA ARG A 15 18.68 3.33 -8.14
C ARG A 15 17.55 4.10 -7.48
N LEU A 16 16.36 3.53 -7.50
CA LEU A 16 15.19 4.24 -7.00
C LEU A 16 15.16 4.25 -5.48
N LYS A 17 15.62 3.16 -4.83
CA LYS A 17 15.61 3.10 -3.36
C LYS A 17 16.43 4.22 -2.75
N ALA A 18 17.47 4.68 -3.45
CA ALA A 18 18.30 5.76 -2.95
C ALA A 18 17.52 7.07 -2.84
N HIS A 19 16.34 7.16 -3.48
CA HIS A 19 15.50 8.34 -3.44
C HIS A 19 14.38 8.25 -2.42
N VAL A 20 14.24 7.12 -1.72
CA VAL A 20 13.20 6.99 -0.69
C VAL A 20 13.49 7.95 0.46
N VAL A 21 12.45 8.64 0.91
CA VAL A 21 12.53 9.56 2.06
C VAL A 21 11.72 8.92 3.18
N ASP A 22 12.36 8.54 4.27
CA ASP A 22 11.68 7.79 5.33
C ASP A 22 11.32 8.65 6.53
N ARG A 23 11.07 9.93 6.29
CA ARG A 23 10.64 10.86 7.32
C ARG A 23 9.42 11.62 6.79
N ASP A 24 8.75 12.30 7.71
CA ASP A 24 7.61 13.12 7.31
C ASP A 24 8.12 14.38 6.62
N THR A 25 7.43 14.77 5.55
CA THR A 25 7.80 15.96 4.80
C THR A 25 6.71 17.02 4.77
N GLU A 26 5.51 16.73 5.27
CA GLU A 26 4.39 17.66 5.21
C GLU A 26 3.92 18.00 6.62
N ALA A 27 3.48 19.25 6.80
CA ALA A 27 3.00 19.68 8.11
C ALA A 27 1.85 18.80 8.59
N TRP A 28 0.97 18.37 7.69
CA TRP A 28 -0.20 17.60 8.12
C TRP A 28 0.20 16.28 8.76
N GLN A 29 1.36 15.73 8.38
CA GLN A 29 1.78 14.44 8.91
C GLN A 29 2.24 14.55 10.35
N ARG A 30 2.60 15.75 10.81
CA ARG A 30 3.13 15.97 12.14
C ARG A 30 2.07 16.49 13.10
N ASP A 31 0.81 16.48 12.69
CA ASP A 31 -0.29 16.90 13.55
C ASP A 31 -1.05 15.68 14.05
N PRO A 32 -1.42 15.66 15.33
CA PRO A 32 -2.09 14.46 15.88
C PRO A 32 -3.35 14.06 15.15
N ALA A 33 -4.15 15.03 14.70
CA ALA A 33 -5.37 14.71 13.96
C ALA A 33 -5.21 14.89 12.45
N PHE A 34 -3.99 15.05 11.97
CA PHE A 34 -3.71 15.23 10.55
C PHE A 34 -4.43 16.46 10.00
N SER A 35 -4.45 17.53 10.79
CA SER A 35 -4.97 18.79 10.32
CA SER A 35 -4.97 18.81 10.33
C SER A 35 -4.24 19.20 9.06
N GLY A 36 -5.00 19.54 8.03
CA GLY A 36 -4.47 19.89 6.74
C GLY A 36 -4.54 18.76 5.73
N LEU A 37 -4.80 17.52 6.18
CA LEU A 37 -5.00 16.41 5.26
C LEU A 37 -6.44 16.43 4.79
N GLN A 38 -6.65 16.52 3.48
CA GLN A 38 -7.98 16.59 2.91
C GLN A 38 -8.34 15.42 2.01
N ARG A 39 -7.36 14.80 1.35
CA ARG A 39 -7.62 13.73 0.39
C ARG A 39 -6.60 12.62 0.55
N VAL A 40 -7.09 11.39 0.70
CA VAL A 40 -6.26 10.20 0.83
CA VAL A 40 -6.26 10.21 0.82
C VAL A 40 -6.61 9.28 -0.33
N GLY A 41 -5.59 8.78 -1.01
CA GLY A 41 -5.80 7.90 -2.14
C GLY A 41 -5.59 6.45 -1.74
N GLY A 42 -6.20 5.57 -2.52
CA GLY A 42 -5.99 4.13 -2.38
C GLY A 42 -5.79 3.54 -3.75
N VAL A 43 -4.94 2.53 -3.83
CA VAL A 43 -4.65 1.87 -5.11
C VAL A 43 -4.75 0.37 -4.94
N ASP A 44 -5.12 -0.30 -6.04
CA ASP A 44 -5.25 -1.75 -6.04
C ASP A 44 -4.91 -2.26 -7.44
N VAL A 45 -4.27 -3.42 -7.49
CA VAL A 45 -4.24 -4.26 -8.68
C VAL A 45 -4.76 -5.63 -8.29
N SER A 46 -5.71 -6.14 -9.06
CA SER A 46 -6.31 -7.44 -8.79
C SER A 46 -6.32 -8.26 -10.06
N PHE A 47 -5.82 -9.49 -10.00
CA PHE A 47 -5.84 -10.37 -11.16
C PHE A 47 -7.22 -10.96 -11.38
N VAL A 48 -7.53 -11.17 -12.66
CA VAL A 48 -8.70 -11.95 -13.04
C VAL A 48 -8.50 -13.39 -12.59
N ALA A 49 -9.47 -13.93 -11.86
CA ALA A 49 -9.39 -15.29 -11.35
C ALA A 49 -9.05 -16.26 -12.47
N GLY A 50 -8.11 -17.16 -12.19
CA GLY A 50 -7.63 -18.07 -13.22
C GLY A 50 -6.74 -17.43 -14.25
N ASP A 51 -6.12 -16.29 -13.91
CA ASP A 51 -5.25 -15.60 -14.85
C ASP A 51 -4.15 -14.88 -14.10
N SER A 52 -2.94 -14.93 -14.65
CA SER A 52 -1.80 -14.22 -14.12
C SER A 52 -1.37 -13.04 -14.98
N VAL A 53 -2.06 -12.76 -16.10
CA VAL A 53 -1.74 -11.64 -16.96
CA VAL A 53 -1.74 -11.63 -16.96
C VAL A 53 -2.81 -10.55 -16.91
N ARG A 54 -4.08 -10.91 -17.15
CA ARG A 54 -5.12 -9.89 -17.14
C ARG A 54 -5.50 -9.50 -15.71
N ALA A 55 -5.65 -8.21 -15.48
CA ALA A 55 -5.89 -7.70 -14.15
C ALA A 55 -6.65 -6.39 -14.27
N CYS A 56 -7.09 -5.86 -13.14
CA CYS A 56 -7.67 -4.53 -13.07
C CYS A 56 -6.84 -3.68 -12.13
N ALA A 57 -6.52 -2.45 -12.55
CA ALA A 57 -5.83 -1.48 -11.72
C ALA A 57 -6.82 -0.38 -11.37
N SER A 58 -6.86 0.00 -10.08
CA SER A 58 -7.81 1.01 -9.63
C SER A 58 -7.13 2.06 -8.77
N LEU A 59 -7.62 3.30 -8.91
CA LEU A 59 -7.22 4.41 -8.06
C LEU A 59 -8.47 5.07 -7.54
N VAL A 60 -8.54 5.26 -6.22
CA VAL A 60 -9.64 6.00 -5.60
C VAL A 60 -9.05 7.12 -4.77
N VAL A 61 -9.81 8.20 -4.65
CA VAL A 61 -9.47 9.28 -3.72
C VAL A 61 -10.65 9.48 -2.79
N LEU A 62 -10.39 9.56 -1.48
CA LEU A 62 -11.41 9.78 -0.48
C LEU A 62 -11.14 11.09 0.26
N SER A 63 -12.22 11.75 0.65
CA SER A 63 -12.07 12.90 1.53
C SER A 63 -11.58 12.42 2.90
N PHE A 64 -10.92 13.32 3.62
CA PHE A 64 -10.45 13.00 4.96
C PHE A 64 -10.82 14.16 5.87
N PRO A 65 -11.36 13.88 7.08
CA PRO A 65 -11.54 12.56 7.69
C PRO A 65 -12.85 11.84 7.37
N GLU A 66 -13.67 12.41 6.50
CA GLU A 66 -15.00 11.84 6.24
C GLU A 66 -14.93 10.48 5.54
N LEU A 67 -13.87 10.22 4.78
CA LEU A 67 -13.68 8.95 4.07
C LEU A 67 -14.78 8.68 3.04
N GLU A 68 -15.19 9.72 2.31
CA GLU A 68 -16.14 9.58 1.21
C GLU A 68 -15.39 9.57 -0.11
N VAL A 69 -15.81 8.69 -1.02
CA VAL A 69 -15.14 8.62 -2.32
C VAL A 69 -15.45 9.88 -3.11
N VAL A 70 -14.39 10.57 -3.57
CA VAL A 70 -14.54 11.73 -4.43
C VAL A 70 -14.01 11.48 -5.85
N TYR A 71 -13.26 10.41 -6.07
CA TYR A 71 -12.76 10.08 -7.40
C TYR A 71 -12.54 8.59 -7.45
N GLU A 72 -12.87 7.96 -8.57
CA GLU A 72 -12.54 6.56 -8.77
C GLU A 72 -12.29 6.29 -10.24
N GLU A 73 -11.26 5.48 -10.51
CA GLU A 73 -10.99 5.06 -11.88
C GLU A 73 -10.43 3.65 -11.85
N SER A 74 -10.96 2.79 -12.72
CA SER A 74 -10.50 1.41 -12.82
C SER A 74 -10.25 1.11 -14.29
N ARG A 75 -9.21 0.33 -14.58
CA ARG A 75 -8.90 -0.03 -15.96
C ARG A 75 -8.42 -1.46 -16.01
N MET A 76 -8.94 -2.23 -16.96
CA MET A 76 -8.38 -3.55 -17.24
C MET A 76 -7.04 -3.39 -17.94
N VAL A 77 -6.06 -4.19 -17.52
CA VAL A 77 -4.69 -4.11 -17.99
C VAL A 77 -4.13 -5.51 -18.15
N SER A 78 -3.06 -5.63 -18.93
CA SER A 78 -2.37 -6.89 -19.12
C SER A 78 -0.97 -6.78 -18.52
N LEU A 79 -0.69 -7.58 -17.49
CA LEU A 79 0.58 -7.55 -16.77
C LEU A 79 1.54 -8.51 -17.47
N THR A 80 2.26 -7.99 -18.46
CA THR A 80 3.08 -8.85 -19.31
C THR A 80 4.50 -9.03 -18.79
N ALA A 81 4.94 -8.21 -17.84
CA ALA A 81 6.24 -8.42 -17.24
C ALA A 81 6.25 -9.75 -16.47
N PRO A 82 7.35 -10.49 -16.49
CA PRO A 82 7.40 -11.76 -15.77
C PRO A 82 7.22 -11.57 -14.26
N TYR A 83 6.67 -12.59 -13.63
CA TYR A 83 6.42 -12.59 -12.20
C TYR A 83 7.62 -13.24 -11.50
N VAL A 84 8.30 -12.47 -10.66
CA VAL A 84 9.43 -12.96 -9.88
C VAL A 84 9.29 -12.40 -8.48
N SER A 85 9.34 -13.26 -7.47
CA SER A 85 9.20 -12.82 -6.10
CA SER A 85 9.20 -12.82 -6.10
C SER A 85 10.24 -11.75 -5.77
N GLY A 86 9.78 -10.65 -5.19
CA GLY A 86 10.64 -9.52 -4.91
C GLY A 86 10.62 -8.45 -5.98
N PHE A 87 9.92 -8.69 -7.08
CA PHE A 87 9.91 -7.79 -8.23
C PHE A 87 8.50 -7.50 -8.72
N LEU A 88 7.49 -7.77 -7.88
N LEU A 88 7.49 -7.74 -7.88
CA LEU A 88 6.10 -7.55 -8.27
CA LEU A 88 6.11 -7.56 -8.33
C LEU A 88 5.86 -6.12 -8.75
C LEU A 88 5.76 -6.11 -8.62
N ALA A 89 6.56 -5.15 -8.14
CA ALA A 89 6.31 -3.75 -8.49
C ALA A 89 6.54 -3.49 -9.97
N PHE A 90 7.44 -4.24 -10.61
CA PHE A 90 7.68 -4.04 -12.03
C PHE A 90 6.47 -4.44 -12.88
N ARG A 91 5.59 -5.28 -12.35
CA ARG A 91 4.37 -5.64 -13.06
C ARG A 91 3.27 -4.61 -12.87
N GLU A 92 3.17 -4.02 -11.68
CA GLU A 92 2.02 -3.23 -11.24
C GLU A 92 2.23 -1.72 -11.33
N VAL A 93 3.42 -1.24 -10.96
CA VAL A 93 3.63 0.22 -10.90
C VAL A 93 3.34 0.94 -12.21
N PRO A 94 3.70 0.42 -13.40
CA PRO A 94 3.40 1.17 -14.63
C PRO A 94 1.94 1.59 -14.73
N PHE A 95 1.03 0.69 -14.36
CA PHE A 95 -0.39 0.98 -14.52
C PHE A 95 -0.90 1.91 -13.44
N LEU A 96 -0.45 1.73 -12.21
CA LEU A 96 -0.87 2.63 -11.16
C LEU A 96 -0.33 4.03 -11.40
N LEU A 97 0.92 4.13 -11.85
CA LEU A 97 1.48 5.44 -12.18
CA LEU A 97 1.47 5.44 -12.17
C LEU A 97 0.66 6.15 -13.25
N GLU A 98 0.21 5.40 -14.28
CA GLU A 98 -0.60 5.98 -15.34
C GLU A 98 -1.93 6.52 -14.81
N LEU A 99 -2.54 5.80 -13.86
CA LEU A 99 -3.79 6.30 -13.29
C LEU A 99 -3.57 7.58 -12.51
N VAL A 100 -2.47 7.66 -11.75
CA VAL A 100 -2.19 8.87 -10.99
C VAL A 100 -1.95 10.05 -11.92
N GLN A 101 -1.19 9.81 -13.00
CA GLN A 101 -0.92 10.90 -13.93
C GLN A 101 -2.19 11.35 -14.66
N GLN A 102 -3.06 10.42 -15.05
CA GLN A 102 -4.34 10.80 -15.62
C GLN A 102 -5.10 11.73 -14.69
N LEU A 103 -5.15 11.38 -13.40
CA LEU A 103 -5.81 12.24 -12.42
C LEU A 103 -5.12 13.60 -12.35
N ARG A 104 -3.79 13.61 -12.28
CA ARG A 104 -3.04 14.85 -12.12
C ARG A 104 -3.33 15.84 -13.25
N GLU A 105 -3.59 15.33 -14.46
CA GLU A 105 -3.89 16.19 -15.60
C GLU A 105 -5.38 16.45 -15.76
N LYS A 106 -6.22 15.48 -15.42
CA LYS A 106 -7.66 15.62 -15.60
C LYS A 106 -8.28 16.46 -14.49
N GLU A 107 -7.93 16.19 -13.24
CA GLU A 107 -8.53 16.86 -12.09
C GLU A 107 -7.48 17.05 -11.00
N PRO A 108 -6.54 17.98 -11.22
CA PRO A 108 -5.47 18.20 -10.22
C PRO A 108 -5.99 18.61 -8.85
N GLY A 109 -7.15 19.25 -8.80
CA GLY A 109 -7.72 19.60 -7.51
C GLY A 109 -8.16 18.42 -6.67
N LEU A 110 -8.21 17.22 -7.26
CA LEU A 110 -8.57 16.02 -6.52
C LEU A 110 -7.36 15.13 -6.22
N MET A 111 -6.16 15.59 -6.54
CA MET A 111 -4.97 14.76 -6.34
C MET A 111 -4.85 14.39 -4.86
N PRO A 112 -4.57 13.15 -4.54
CA PRO A 112 -4.38 12.77 -3.14
C PRO A 112 -3.10 13.36 -2.56
N GLN A 113 -3.12 13.60 -1.25
CA GLN A 113 -1.92 14.05 -0.56
C GLN A 113 -1.06 12.89 -0.07
N VAL A 114 -1.61 11.68 -0.11
CA VAL A 114 -0.93 10.46 0.33
C VAL A 114 -1.69 9.30 -0.28
N LEU A 115 -0.97 8.22 -0.59
CA LEU A 115 -1.57 7.00 -1.11
C LEU A 115 -1.40 5.89 -0.09
N LEU A 116 -2.47 5.17 0.17
CA LEU A 116 -2.41 3.89 0.85
C LEU A 116 -2.39 2.81 -0.23
N VAL A 117 -1.37 1.97 -0.21
CA VAL A 117 -1.10 1.02 -1.28
C VAL A 117 -1.32 -0.39 -0.74
N ASP A 118 -2.11 -1.18 -1.45
CA ASP A 118 -2.23 -2.59 -1.12
C ASP A 118 -0.93 -3.28 -1.52
N GLY A 119 -0.01 -3.39 -0.59
CA GLY A 119 1.33 -3.87 -0.87
C GLY A 119 2.28 -3.36 0.19
N ASN A 120 3.54 -3.78 0.08
CA ASN A 120 4.52 -3.39 1.08
C ASN A 120 5.41 -2.27 0.57
N GLY A 121 5.98 -1.54 1.51
CA GLY A 121 7.00 -0.55 1.25
C GLY A 121 8.38 -1.09 1.54
N VAL A 122 9.01 -0.57 2.59
CA VAL A 122 10.36 -1.02 2.90
C VAL A 122 10.38 -2.41 3.52
N LEU A 123 9.23 -2.91 4.00
CA LEU A 123 9.15 -4.29 4.47
C LEU A 123 9.05 -5.16 3.23
N HIS A 124 10.20 -5.59 2.71
CA HIS A 124 10.23 -6.20 1.39
C HIS A 124 11.59 -6.87 1.23
N HIS A 125 11.64 -7.82 0.28
CA HIS A 125 12.85 -8.61 0.04
C HIS A 125 14.08 -7.73 -0.10
N ARG A 126 13.93 -6.57 -0.75
CA ARG A 126 15.04 -5.68 -1.05
C ARG A 126 14.86 -4.30 -0.41
N GLY A 127 13.99 -4.19 0.59
CA GLY A 127 13.69 -2.88 1.14
C GLY A 127 13.02 -1.94 0.16
N PHE A 128 12.37 -2.47 -0.88
CA PHE A 128 11.82 -1.61 -1.94
C PHE A 128 10.61 -2.27 -2.61
N GLY A 129 9.49 -2.32 -1.89
CA GLY A 129 8.28 -2.91 -2.42
C GLY A 129 7.45 -1.91 -3.21
N VAL A 130 6.27 -2.38 -3.63
CA VAL A 130 5.39 -1.61 -4.52
C VAL A 130 5.10 -0.22 -3.96
N ALA A 131 4.87 -0.12 -2.66
CA ALA A 131 4.51 1.18 -2.10
C ALA A 131 5.67 2.17 -2.19
N SER A 132 6.90 1.69 -2.01
CA SER A 132 8.06 2.57 -2.13
CA SER A 132 8.04 2.58 -2.13
C SER A 132 8.34 2.90 -3.58
N HIS A 133 8.19 1.90 -4.45
CA HIS A 133 8.46 2.07 -5.87
C HIS A 133 7.47 3.06 -6.47
N LEU A 134 6.18 2.90 -6.15
CA LEU A 134 5.17 3.86 -6.61
C LEU A 134 5.40 5.23 -5.98
N GLY A 135 5.74 5.26 -4.68
CA GLY A 135 5.94 6.54 -4.02
C GLY A 135 7.07 7.36 -4.63
N VAL A 136 8.21 6.73 -4.89
CA VAL A 136 9.33 7.52 -5.42
CA VAL A 136 9.35 7.48 -5.44
C VAL A 136 9.02 8.02 -6.83
N LEU A 137 8.33 7.20 -7.64
CA LEU A 137 8.06 7.61 -9.02
C LEU A 137 6.94 8.66 -9.11
N THR A 138 5.93 8.58 -8.24
CA THR A 138 4.93 9.65 -8.18
C THR A 138 5.38 10.84 -7.36
N ASP A 139 6.43 10.68 -6.55
CA ASP A 139 6.84 11.66 -5.53
C ASP A 139 5.67 12.04 -4.63
N LEU A 140 4.90 11.05 -4.22
CA LEU A 140 3.82 11.27 -3.28
C LEU A 140 4.10 10.49 -2.00
N PRO A 141 3.70 11.03 -0.86
CA PRO A 141 3.70 10.22 0.37
C PRO A 141 2.92 8.94 0.13
N CYS A 142 3.52 7.80 0.48
N CYS A 142 3.48 7.84 0.60
CA CYS A 142 2.90 6.51 0.26
CA CYS A 142 2.96 6.53 0.27
C CYS A 142 3.13 5.62 1.45
C CYS A 142 3.15 5.60 1.47
N VAL A 143 2.10 4.84 1.80
CA VAL A 143 2.14 3.89 2.90
C VAL A 143 1.84 2.51 2.34
N GLY A 144 2.67 1.52 2.71
CA GLY A 144 2.37 0.15 2.37
C GLY A 144 1.45 -0.48 3.41
N VAL A 145 0.30 -0.98 2.97
CA VAL A 145 -0.66 -1.64 3.84
C VAL A 145 -0.78 -3.07 3.34
N ALA A 146 -0.22 -4.01 4.08
CA ALA A 146 -0.23 -5.41 3.69
C ALA A 146 -1.13 -6.22 4.62
N LYS A 147 -1.81 -7.19 4.04
CA LYS A 147 -2.73 -8.05 4.77
C LYS A 147 -2.05 -9.30 5.32
N LYS A 148 -0.83 -9.59 4.90
CA LYS A 148 -0.07 -10.72 5.43
C LYS A 148 1.40 -10.32 5.61
N LEU A 149 2.07 -11.04 6.49
CA LEU A 149 3.45 -10.74 6.85
C LEU A 149 4.42 -11.30 5.82
N LEU A 150 5.21 -10.44 5.20
CA LEU A 150 6.28 -10.87 4.31
C LEU A 150 7.48 -11.25 5.16
N GLN A 151 7.92 -12.51 5.05
CA GLN A 151 8.95 -13.03 5.95
C GLN A 151 10.34 -12.75 5.38
N VAL A 152 10.79 -11.50 5.56
CA VAL A 152 12.08 -11.03 5.04
C VAL A 152 12.90 -10.44 6.19
N ASP A 153 14.22 -10.39 5.98
CA ASP A 153 15.17 -9.87 6.96
C ASP A 153 14.96 -10.51 8.34
N GLY A 154 14.78 -11.83 8.33
CA GLY A 154 14.62 -12.56 9.57
C GLY A 154 13.26 -12.44 10.23
N LEU A 155 12.31 -11.73 9.62
CA LEU A 155 10.95 -11.72 10.15
C LEU A 155 10.26 -13.04 9.88
N ALA A 156 9.48 -13.51 10.84
CA ALA A 156 8.81 -14.79 10.69
C ALA A 156 7.53 -14.78 11.50
N ASN A 157 6.50 -15.43 10.98
CA ASN A 157 5.25 -15.62 11.72
C ASN A 157 5.45 -16.83 12.64
N ASN A 158 6.09 -16.57 13.77
CA ASN A 158 6.48 -17.61 14.71
C ASN A 158 5.69 -17.45 16.02
N ALA A 159 6.10 -18.22 17.03
CA ALA A 159 5.40 -18.16 18.31
C ALA A 159 5.41 -16.74 18.88
N LEU A 160 6.57 -16.06 18.82
CA LEU A 160 6.63 -14.68 19.28
C LEU A 160 5.61 -13.79 18.58
N HIS A 161 5.55 -13.88 17.25
CA HIS A 161 4.62 -13.06 16.51
C HIS A 161 3.18 -13.31 16.94
N LYS A 162 2.82 -14.58 17.12
CA LYS A 162 1.45 -14.90 17.52
C LYS A 162 1.11 -14.42 18.93
N GLU A 163 2.06 -14.49 19.87
CA GLU A 163 1.77 -13.97 21.20
C GLU A 163 1.64 -12.45 21.19
N LYS A 164 2.45 -11.76 20.36
CA LYS A 164 2.29 -10.32 20.29
CA LYS A 164 2.31 -10.32 20.24
C LYS A 164 0.94 -9.94 19.69
N ILE A 165 0.43 -10.73 18.74
CA ILE A 165 -0.91 -10.49 18.22
C ILE A 165 -1.95 -10.73 19.30
N ARG A 166 -1.77 -11.79 20.09
CA ARG A 166 -2.70 -12.05 21.20
C ARG A 166 -2.86 -10.82 22.09
N LEU A 167 -1.78 -10.08 22.33
CA LEU A 167 -1.81 -8.95 23.25
C LEU A 167 -2.34 -7.68 22.63
N LEU A 168 -2.54 -7.64 21.31
CA LEU A 168 -3.30 -6.54 20.72
C LEU A 168 -4.74 -6.62 21.21
N GLN A 169 -5.32 -5.47 21.54
CA GLN A 169 -6.63 -5.44 22.18
C GLN A 169 -7.67 -4.69 21.35
N THR A 170 -7.34 -3.52 20.83
CA THR A 170 -8.33 -2.66 20.21
C THR A 170 -7.74 -2.01 18.97
N ARG A 171 -8.62 -1.39 18.18
CA ARG A 171 -8.17 -0.55 17.08
C ARG A 171 -7.07 0.38 17.56
N GLY A 172 -6.04 0.52 16.73
CA GLY A 172 -4.95 1.42 17.02
C GLY A 172 -3.79 0.80 17.74
N ASP A 173 -3.99 -0.38 18.35
CA ASP A 173 -2.90 -1.06 19.02
C ASP A 173 -1.93 -1.59 17.96
N SER A 174 -0.64 -1.51 18.26
CA SER A 174 0.36 -1.86 17.25
C SER A 174 1.63 -2.34 17.95
N PHE A 175 2.42 -3.13 17.20
CA PHE A 175 3.73 -3.54 17.70
C PHE A 175 4.74 -3.54 16.56
N PRO A 176 6.02 -3.31 16.86
CA PRO A 176 7.01 -3.16 15.79
C PRO A 176 7.50 -4.48 15.24
N LEU A 177 7.89 -4.44 13.95
CA LEU A 177 8.48 -5.59 13.26
C LEU A 177 9.94 -5.29 13.04
N LEU A 178 10.80 -5.98 13.79
CA LEU A 178 12.22 -5.72 13.86
C LEU A 178 12.93 -6.71 12.93
N GLY A 179 13.69 -6.19 11.97
CA GLY A 179 14.54 -7.04 11.17
C GLY A 179 15.60 -7.70 12.03
N ASP A 180 16.07 -8.87 11.58
CA ASP A 180 17.03 -9.63 12.38
C ASP A 180 18.17 -8.75 12.90
N SER A 181 18.50 -7.68 12.18
CA SER A 181 19.65 -6.85 12.50
C SER A 181 19.35 -5.71 13.47
N GLY A 182 18.15 -5.14 13.44
CA GLY A 182 17.85 -4.03 14.31
C GLY A 182 17.15 -2.88 13.61
N THR A 183 16.91 -3.03 12.32
CA THR A 183 16.09 -2.08 11.57
C THR A 183 14.63 -2.46 11.78
N VAL A 184 13.83 -1.53 12.30
CA VAL A 184 12.39 -1.77 12.35
C VAL A 184 11.84 -1.56 10.93
N LEU A 185 11.22 -2.59 10.39
CA LEU A 185 10.79 -2.61 9.00
C LEU A 185 9.33 -2.21 8.84
N GLY A 186 8.55 -2.30 9.91
CA GLY A 186 7.15 -1.96 9.83
C GLY A 186 6.49 -2.17 11.18
N MET A 187 5.17 -2.10 11.17
CA MET A 187 4.41 -2.33 12.39
CA MET A 187 4.39 -2.30 12.38
C MET A 187 3.20 -3.20 12.07
N ALA A 188 2.85 -4.07 13.01
CA ALA A 188 1.59 -4.79 12.94
C ALA A 188 0.56 -3.92 13.64
N LEU A 189 -0.57 -3.71 13.01
CA LEU A 189 -1.58 -2.80 13.52
C LEU A 189 -2.92 -3.51 13.59
N ARG A 190 -3.52 -3.49 14.78
CA ARG A 190 -4.91 -3.90 14.88
CA ARG A 190 -4.91 -3.89 14.92
C ARG A 190 -5.77 -2.75 14.38
N SER A 191 -6.47 -2.96 13.27
CA SER A 191 -7.21 -1.87 12.66
C SER A 191 -8.68 -1.83 13.04
N HIS A 192 -9.17 -2.78 13.83
CA HIS A 192 -10.59 -2.85 14.13
C HIS A 192 -10.78 -3.59 15.44
N ASP A 193 -11.74 -3.14 16.24
CA ASP A 193 -11.96 -3.74 17.56
C ASP A 193 -12.37 -5.19 17.46
N ARG A 194 -13.03 -5.59 16.37
CA ARG A 194 -13.64 -6.91 16.28
C ARG A 194 -12.87 -7.89 15.41
N SER A 195 -11.63 -7.58 15.06
CA SER A 195 -10.80 -8.44 14.23
CA SER A 195 -10.80 -8.47 14.25
C SER A 195 -9.46 -8.66 14.95
N THR A 196 -9.02 -9.91 15.01
CA THR A 196 -7.75 -10.20 15.66
C THR A 196 -6.55 -10.15 14.71
N ARG A 197 -6.77 -10.27 13.41
CA ARG A 197 -5.68 -10.36 12.45
C ARG A 197 -5.19 -8.96 12.10
N PRO A 198 -3.93 -8.64 12.33
CA PRO A 198 -3.45 -7.27 12.12
C PRO A 198 -3.17 -6.99 10.65
N LEU A 199 -3.02 -5.70 10.36
CA LEU A 199 -2.42 -5.28 9.09
C LEU A 199 -0.93 -5.06 9.31
N TYR A 200 -0.17 -5.18 8.24
CA TYR A 200 1.28 -4.98 8.31
C TYR A 200 1.61 -3.71 7.55
N ILE A 201 2.05 -2.69 8.28
CA ILE A 201 2.22 -1.34 7.75
C ILE A 201 3.71 -1.06 7.60
N SER A 202 4.09 -0.47 6.45
CA SER A 202 5.47 -0.05 6.31
C SER A 202 5.53 1.23 5.48
N VAL A 203 6.62 1.96 5.66
CA VAL A 203 6.80 3.22 4.92
C VAL A 203 7.00 2.90 3.45
N GLY A 204 6.27 3.62 2.60
CA GLY A 204 6.59 3.64 1.19
C GLY A 204 7.56 4.76 0.89
N HIS A 205 7.12 6.00 1.08
CA HIS A 205 7.91 7.16 0.71
C HIS A 205 7.32 8.38 1.39
N ARG A 206 8.20 9.26 1.88
CA ARG A 206 7.81 10.57 2.41
C ARG A 206 6.84 10.49 3.58
N MET A 207 6.95 9.46 4.40
CA MET A 207 6.23 9.42 5.66
C MET A 207 7.05 8.64 6.68
N SER A 208 6.93 9.03 7.94
CA SER A 208 7.52 8.24 9.02
C SER A 208 6.62 7.04 9.31
N LEU A 209 7.22 5.99 9.87
CA LEU A 209 6.45 4.80 10.18
C LEU A 209 5.38 5.10 11.23
N GLU A 210 5.74 5.87 12.26
CA GLU A 210 4.76 6.20 13.29
C GLU A 210 3.55 6.91 12.70
N ALA A 211 3.79 7.90 11.84
CA ALA A 211 2.68 8.63 11.23
C ALA A 211 1.87 7.75 10.29
N ALA A 212 2.56 6.89 9.51
CA ALA A 212 1.87 5.98 8.61
C ALA A 212 0.91 5.07 9.36
N VAL A 213 1.34 4.57 10.51
CA VAL A 213 0.49 3.66 11.29
C VAL A 213 -0.72 4.41 11.82
N ARG A 214 -0.51 5.64 12.31
CA ARG A 214 -1.63 6.43 12.81
CA ARG A 214 -1.61 6.45 12.81
C ARG A 214 -2.59 6.79 11.69
N LEU A 215 -2.08 7.13 10.51
CA LEU A 215 -2.98 7.45 9.41
C LEU A 215 -3.79 6.22 9.00
N THR A 216 -3.15 5.06 8.95
CA THR A 216 -3.89 3.85 8.59
C THR A 216 -5.01 3.58 9.59
N SER A 217 -4.72 3.73 10.89
CA SER A 217 -5.78 3.60 11.88
CA SER A 217 -5.77 3.62 11.90
C SER A 217 -6.90 4.59 11.64
N ALA A 218 -6.55 5.86 11.35
CA ALA A 218 -7.56 6.89 11.16
C ALA A 218 -8.43 6.61 9.94
N CYS A 219 -7.89 5.88 8.97
CA CYS A 219 -8.62 5.57 7.75
C CYS A 219 -9.40 4.27 7.82
N SER A 220 -9.43 3.60 8.97
CA SER A 220 -10.04 2.28 9.10
C SER A 220 -11.43 2.40 9.72
N ARG A 221 -12.45 2.17 8.91
CA ARG A 221 -13.83 2.03 9.37
C ARG A 221 -14.16 0.57 9.61
N PHE A 222 -13.66 -0.30 8.73
CA PHE A 222 -13.65 -1.74 8.87
C PHE A 222 -12.20 -2.18 9.04
N ARG A 223 -11.93 -3.49 8.93
CA ARG A 223 -10.56 -3.95 9.12
C ARG A 223 -9.63 -3.43 8.03
N ILE A 224 -10.08 -3.45 6.78
CA ILE A 224 -9.26 -2.93 5.68
C ILE A 224 -9.48 -1.42 5.60
N PRO A 225 -8.41 -0.61 5.62
CA PRO A 225 -8.57 0.85 5.56
C PRO A 225 -9.38 1.25 4.35
N GLU A 226 -10.25 2.26 4.55
N GLU A 226 -10.22 2.27 4.54
CA GLU A 226 -11.22 2.65 3.52
CA GLU A 226 -11.22 2.61 3.52
C GLU A 226 -10.64 2.90 2.15
C GLU A 226 -10.65 2.92 2.15
N PRO A 227 -9.53 3.64 1.99
CA PRO A 227 -9.03 3.87 0.61
C PRO A 227 -8.60 2.59 -0.08
N VAL A 228 -8.00 1.66 0.65
CA VAL A 228 -7.60 0.35 0.12
CA VAL A 228 -7.62 0.40 0.04
C VAL A 228 -8.84 -0.48 -0.18
N ARG A 229 -9.79 -0.48 0.75
CA ARG A 229 -11.00 -1.29 0.60
CA ARG A 229 -11.00 -1.29 0.60
C ARG A 229 -11.81 -0.83 -0.60
N GLN A 230 -11.95 0.49 -0.78
CA GLN A 230 -12.72 0.99 -1.93
C GLN A 230 -12.01 0.70 -3.24
N ALA A 231 -10.67 0.73 -3.26
CA ALA A 231 -9.97 0.41 -4.50
C ALA A 231 -10.14 -1.07 -4.83
N ASP A 232 -10.14 -1.93 -3.81
CA ASP A 232 -10.36 -3.35 -4.04
CA ASP A 232 -10.38 -3.36 -3.99
C ASP A 232 -11.76 -3.59 -4.59
N ILE A 233 -12.78 -2.96 -4.00
CA ILE A 233 -14.14 -3.10 -4.49
C ILE A 233 -14.26 -2.60 -5.91
N CYS A 234 -13.66 -1.44 -6.22
CA CYS A 234 -13.71 -0.93 -7.59
C CYS A 234 -13.13 -1.93 -8.58
N SER A 235 -11.99 -2.55 -8.25
CA SER A 235 -11.39 -3.49 -9.19
C SER A 235 -12.27 -4.71 -9.39
N ARG A 236 -12.82 -5.24 -8.30
CA ARG A 236 -13.69 -6.42 -8.41
C ARG A 236 -14.92 -6.11 -9.25
N GLU A 237 -15.53 -4.94 -9.02
CA GLU A 237 -16.70 -4.57 -9.80
C GLU A 237 -16.35 -4.38 -11.27
N HIS A 238 -15.20 -3.75 -11.54
CA HIS A 238 -14.83 -3.51 -12.94
C HIS A 238 -14.55 -4.81 -13.67
N ILE A 239 -13.93 -5.78 -12.99
CA ILE A 239 -13.71 -7.09 -13.62
C ILE A 239 -15.05 -7.76 -13.91
N ARG A 240 -15.96 -7.74 -12.95
CA ARG A 240 -17.27 -8.37 -13.16
CA ARG A 240 -17.25 -8.39 -13.18
C ARG A 240 -18.02 -7.73 -14.31
N LYS A 241 -17.97 -6.40 -14.41
CA LYS A 241 -18.66 -5.74 -15.52
C LYS A 241 -18.00 -6.10 -16.84
N SER A 242 -16.66 -5.99 -16.89
CA SER A 242 -15.95 -6.11 -18.16
C SER A 242 -16.03 -7.52 -18.71
N LEU A 243 -16.06 -8.52 -17.84
CA LEU A 243 -16.10 -9.91 -18.28
C LEU A 243 -17.48 -10.53 -18.15
N GLY A 244 -18.50 -9.74 -17.85
CA GLY A 244 -19.86 -10.22 -17.80
C GLY A 244 -20.11 -11.28 -16.74
N LEU A 245 -19.53 -11.10 -15.55
CA LEU A 245 -19.68 -12.12 -14.53
C LEU A 245 -20.86 -11.80 -13.62
N PRO A 246 -21.67 -12.82 -13.25
CA PRO A 246 -22.82 -12.58 -12.37
C PRO A 246 -22.39 -12.32 -10.94
#